data_1XUR
#
_entry.id   1XUR
#
_cell.length_a   134.508
_cell.length_b   36.486
_cell.length_c   95.586
_cell.angle_alpha   90
_cell.angle_beta   130.523
_cell.angle_gamma   90
#
_symmetry.space_group_name_H-M   'C 1 2 1'
#
loop_
_entity.id
_entity.type
_entity.pdbx_description
1 polymer 'Collagenase 3'
2 non-polymer 'ZINC ION'
3 non-polymer 'CALCIUM ION'
4 non-polymer "N,N'-BIS(PYRIDIN-3-YLMETHYL)PYRIMIDINE-4,6-DICARBOXAMIDE"
5 water water
#
_entity_poly.entity_id   1
_entity_poly.type   'polypeptide(L)'
_entity_poly.pdbx_seq_one_letter_code
;YNVFPRTLKWSKMNLTYRIVNYTPDMTHSEVEKAFKKAFKVWSDVTPLNFTRLHDGIADIMISFGIKEHGDFYPFDGPSG
LLAHAFPPGPNYGGDAHFDDDETWTSSSKGYNLFLVAAHEFGHSLGLDHSKDPGALMFPIYTYTGKSHFMLPDDDVQGIQ
SLYGPGDEDPN
;
_entity_poly.pdbx_strand_id   A,B
#
# COMPACT_ATOMS: atom_id res chain seq x y z
N TYR A 1 -0.51 21.15 0.92
CA TYR A 1 0.16 19.92 0.41
C TYR A 1 0.26 18.87 1.50
N ASN A 2 0.65 17.66 1.12
CA ASN A 2 0.79 16.57 2.07
C ASN A 2 1.88 15.60 1.64
N VAL A 3 2.74 15.24 2.58
CA VAL A 3 3.80 14.28 2.32
C VAL A 3 3.38 12.98 2.98
N PHE A 4 3.79 11.86 2.41
CA PHE A 4 3.44 10.56 2.96
C PHE A 4 3.90 10.43 4.42
N PRO A 5 3.07 9.81 5.26
CA PRO A 5 3.39 9.61 6.69
C PRO A 5 4.75 8.96 6.88
N ARG A 6 5.31 9.09 8.08
CA ARG A 6 6.62 8.52 8.39
C ARG A 6 6.57 7.00 8.54
N THR A 7 5.44 6.48 9.00
CA THR A 7 5.29 5.05 9.17
C THR A 7 4.09 4.52 8.40
N LEU A 8 4.16 3.24 8.03
CA LEU A 8 3.08 2.61 7.29
C LEU A 8 1.96 2.32 8.29
N LYS A 9 0.86 3.08 8.19
CA LYS A 9 -0.26 2.89 9.09
C LYS A 9 -1.55 3.44 8.51
N TRP A 10 -2.67 3.06 9.10
CA TRP A 10 -3.96 3.55 8.65
C TRP A 10 -4.12 4.98 9.15
N SER A 11 -4.61 5.86 8.28
CA SER A 11 -4.79 7.27 8.62
C SER A 11 -6.13 7.58 9.27
N LYS A 12 -6.92 6.53 9.50
CA LYS A 12 -8.24 6.68 10.11
C LYS A 12 -8.37 5.70 11.26
N MET A 13 -9.13 6.08 12.29
CA MET A 13 -9.32 5.21 13.44
C MET A 13 -10.44 4.19 13.22
N ASN A 14 -11.38 4.53 12.35
CA ASN A 14 -12.50 3.64 12.06
C ASN A 14 -12.14 2.69 10.91
N LEU A 15 -11.92 1.42 11.22
CA LEU A 15 -11.57 0.43 10.21
C LEU A 15 -12.68 -0.62 10.08
N THR A 16 -12.77 -1.23 8.90
CA THR A 16 -13.79 -2.25 8.67
C THR A 16 -13.13 -3.56 8.24
N TYR A 17 -13.78 -4.67 8.53
CA TYR A 17 -13.27 -5.97 8.13
C TYR A 17 -14.40 -6.82 7.59
N ARG A 18 -14.07 -7.80 6.77
CA ARG A 18 -15.06 -8.67 6.18
C ARG A 18 -14.54 -10.10 6.10
N ILE A 19 -15.33 -11.04 6.59
CA ILE A 19 -14.97 -12.45 6.53
C ILE A 19 -15.57 -12.94 5.22
N VAL A 20 -14.71 -13.02 4.19
CA VAL A 20 -15.14 -13.41 2.85
C VAL A 20 -15.61 -14.87 2.74
N ASN A 21 -14.93 -15.78 3.42
CA ASN A 21 -15.31 -17.18 3.40
C ASN A 21 -14.87 -17.86 4.68
N TYR A 22 -15.25 -19.12 4.84
CA TYR A 22 -14.95 -19.88 6.05
C TYR A 22 -14.26 -21.23 5.86
N THR A 23 -13.42 -21.59 6.82
CA THR A 23 -12.71 -22.86 6.80
C THR A 23 -13.68 -23.99 7.14
N PRO A 24 -13.40 -25.21 6.66
CA PRO A 24 -14.28 -26.34 6.95
C PRO A 24 -14.13 -26.81 8.40
N ASP A 25 -13.00 -26.45 9.03
CA ASP A 25 -12.67 -26.88 10.39
C ASP A 25 -13.49 -26.37 11.57
N MET A 26 -14.09 -25.19 11.43
CA MET A 26 -14.85 -24.58 12.53
C MET A 26 -16.19 -24.05 12.07
N THR A 27 -17.14 -23.89 13.00
CA THR A 27 -18.45 -23.36 12.65
C THR A 27 -18.31 -21.87 12.36
N HIS A 28 -19.28 -21.29 11.68
CA HIS A 28 -19.20 -19.86 11.38
C HIS A 28 -19.11 -19.05 12.67
N SER A 29 -19.89 -19.45 13.67
CA SER A 29 -19.87 -18.76 14.96
C SER A 29 -18.49 -18.80 15.60
N GLU A 30 -17.82 -19.94 15.53
CA GLU A 30 -16.48 -20.09 16.11
C GLU A 30 -15.47 -19.17 15.43
N VAL A 31 -15.54 -19.11 14.10
CA VAL A 31 -14.63 -18.27 13.34
C VAL A 31 -14.87 -16.78 13.62
N GLU A 32 -16.13 -16.39 13.65
CA GLU A 32 -16.50 -15.00 13.90
C GLU A 32 -16.05 -14.58 15.31
N LYS A 33 -16.25 -15.47 16.28
CA LYS A 33 -15.87 -15.21 17.65
C LYS A 33 -14.35 -15.01 17.74
N ALA A 34 -13.61 -15.88 17.08
CA ALA A 34 -12.15 -15.81 17.07
C ALA A 34 -11.63 -14.50 16.49
N PHE A 35 -12.17 -14.09 15.34
CA PHE A 35 -11.72 -12.85 14.71
C PHE A 35 -12.11 -11.62 15.51
N LYS A 36 -13.31 -11.62 16.08
CA LYS A 36 -13.75 -10.48 16.87
C LYS A 36 -12.83 -10.29 18.07
N LYS A 37 -12.49 -11.41 18.72
CA LYS A 37 -11.61 -11.38 19.88
C LYS A 37 -10.21 -10.90 19.49
N ALA A 38 -9.76 -11.31 18.30
CA ALA A 38 -8.45 -10.91 17.82
C ALA A 38 -8.38 -9.41 17.54
N PHE A 39 -9.45 -8.84 16.98
CA PHE A 39 -9.44 -7.41 16.72
C PHE A 39 -9.51 -6.64 18.04
N LYS A 40 -10.22 -7.19 19.03
CA LYS A 40 -10.34 -6.54 20.32
C LYS A 40 -9.00 -6.44 21.03
N VAL A 41 -8.09 -7.36 20.73
CA VAL A 41 -6.76 -7.36 21.31
C VAL A 41 -6.08 -6.03 20.99
N TRP A 42 -6.28 -5.55 19.77
CA TRP A 42 -5.67 -4.31 19.34
C TRP A 42 -6.49 -3.06 19.66
N SER A 43 -7.81 -3.15 19.53
CA SER A 43 -8.65 -1.99 19.82
C SER A 43 -8.59 -1.65 21.31
N ASP A 44 -8.36 -2.65 22.16
CA ASP A 44 -8.29 -2.43 23.61
C ASP A 44 -7.11 -1.56 24.04
N VAL A 45 -6.07 -1.48 23.21
CA VAL A 45 -4.89 -0.69 23.58
C VAL A 45 -4.56 0.47 22.63
N THR A 46 -5.53 0.86 21.81
CA THR A 46 -5.36 1.96 20.85
C THR A 46 -6.70 2.67 20.69
N PRO A 47 -6.77 3.69 19.82
CA PRO A 47 -8.03 4.42 19.60
C PRO A 47 -8.79 3.79 18.42
N LEU A 48 -8.27 2.67 17.91
CA LEU A 48 -8.89 1.99 16.76
C LEU A 48 -10.24 1.35 17.02
N ASN A 49 -11.12 1.43 16.01
CA ASN A 49 -12.44 0.81 16.07
C ASN A 49 -12.56 -0.13 14.88
N PHE A 50 -13.12 -1.32 15.11
CA PHE A 50 -13.27 -2.30 14.03
C PHE A 50 -14.75 -2.66 13.85
N THR A 51 -15.27 -2.41 12.66
CA THR A 51 -16.67 -2.70 12.36
C THR A 51 -16.74 -3.77 11.28
N ARG A 52 -17.56 -4.78 11.52
CA ARG A 52 -17.70 -5.87 10.57
C ARG A 52 -18.68 -5.57 9.44
N LEU A 53 -18.27 -5.94 8.22
CA LEU A 53 -19.10 -5.77 7.03
C LEU A 53 -19.37 -7.18 6.53
N HIS A 54 -20.59 -7.46 6.10
CA HIS A 54 -20.93 -8.79 5.62
C HIS A 54 -20.70 -8.97 4.13
N ASP A 55 -20.51 -7.85 3.44
CA ASP A 55 -20.26 -7.87 2.00
C ASP A 55 -19.64 -6.54 1.60
N GLY A 56 -19.26 -6.41 0.33
CA GLY A 56 -18.65 -5.17 -0.11
C GLY A 56 -17.16 -5.14 0.17
N ILE A 57 -16.56 -3.97 0.00
CA ILE A 57 -15.12 -3.84 0.22
C ILE A 57 -14.80 -3.23 1.58
N ALA A 58 -14.12 -4.01 2.41
CA ALA A 58 -13.72 -3.58 3.75
C ALA A 58 -12.22 -3.30 3.75
N ASP A 59 -11.74 -2.59 4.76
CA ASP A 59 -10.32 -2.28 4.85
C ASP A 59 -9.50 -3.55 5.00
N ILE A 60 -9.99 -4.48 5.81
CA ILE A 60 -9.30 -5.73 6.05
C ILE A 60 -10.15 -6.90 5.56
N MET A 61 -9.84 -7.40 4.37
CA MET A 61 -10.57 -8.53 3.78
C MET A 61 -9.95 -9.83 4.28
N ILE A 62 -10.76 -10.67 4.93
CA ILE A 62 -10.28 -11.93 5.48
C ILE A 62 -10.77 -13.13 4.67
N SER A 63 -9.86 -14.04 4.32
CA SER A 63 -10.26 -15.20 3.55
C SER A 63 -9.36 -16.42 3.77
N PHE A 64 -9.94 -17.59 3.53
CA PHE A 64 -9.23 -18.86 3.65
C PHE A 64 -9.01 -19.37 2.23
N GLY A 65 -7.79 -19.77 1.92
CA GLY A 65 -7.50 -20.27 0.59
C GLY A 65 -6.35 -21.26 0.60
N ILE A 66 -6.09 -21.87 -0.55
CA ILE A 66 -4.99 -22.82 -0.64
C ILE A 66 -4.16 -22.55 -1.88
N LYS A 67 -2.91 -23.03 -1.87
CA LYS A 67 -2.00 -22.87 -2.99
C LYS A 67 -2.09 -21.46 -3.59
N GLU A 68 -2.22 -21.36 -4.90
CA GLU A 68 -2.35 -20.04 -5.53
C GLU A 68 -3.75 -19.54 -5.20
N HIS A 69 -3.84 -18.33 -4.66
CA HIS A 69 -5.14 -17.80 -4.28
C HIS A 69 -5.35 -16.33 -4.60
N GLY A 70 -4.54 -15.77 -5.50
CA GLY A 70 -4.72 -14.39 -5.88
C GLY A 70 -3.66 -13.37 -5.51
N ASP A 71 -2.45 -13.82 -5.23
CA ASP A 71 -1.35 -12.89 -4.91
C ASP A 71 0.00 -13.54 -5.17
N PHE A 72 1.07 -12.83 -4.83
CA PHE A 72 2.42 -13.37 -5.04
C PHE A 72 2.91 -14.26 -3.91
N TYR A 73 2.00 -14.69 -3.04
CA TYR A 73 2.41 -15.52 -1.90
C TYR A 73 1.57 -16.78 -1.78
N PRO A 74 1.67 -17.68 -2.77
CA PRO A 74 0.90 -18.93 -2.75
C PRO A 74 1.22 -19.79 -1.53
N PHE A 75 0.20 -20.48 -1.02
CA PHE A 75 0.43 -21.34 0.13
C PHE A 75 1.07 -22.64 -0.35
N ASP A 76 1.42 -23.51 0.60
CA ASP A 76 2.15 -24.73 0.27
C ASP A 76 1.60 -26.08 0.75
N GLY A 77 0.28 -26.21 0.86
CA GLY A 77 -0.28 -27.47 1.33
C GLY A 77 -0.14 -27.61 2.83
N PRO A 78 -0.43 -28.78 3.42
CA PRO A 78 -0.29 -28.90 4.87
C PRO A 78 1.13 -28.65 5.38
N SER A 79 1.24 -27.99 6.54
CA SER A 79 2.50 -27.65 7.19
C SER A 79 3.21 -26.49 6.47
N GLY A 80 4.29 -25.98 7.05
CA GLY A 80 4.99 -24.87 6.43
C GLY A 80 4.27 -23.56 6.69
N LEU A 81 4.08 -22.75 5.64
CA LEU A 81 3.40 -21.47 5.76
C LEU A 81 1.98 -21.69 6.30
N LEU A 82 1.47 -20.78 7.12
CA LEU A 82 0.11 -20.98 7.63
C LEU A 82 -0.82 -19.80 7.37
N ALA A 83 -0.25 -18.61 7.26
CA ALA A 83 -1.05 -17.42 7.01
C ALA A 83 -0.15 -16.20 6.85
N HIS A 84 -0.71 -15.13 6.31
CA HIS A 84 0.02 -13.89 6.13
C HIS A 84 -0.96 -12.73 5.94
N ALA A 85 -0.46 -11.52 6.12
CA ALA A 85 -1.30 -10.34 5.99
C ALA A 85 -0.49 -9.20 5.40
N PHE A 86 -1.14 -8.36 4.61
CA PHE A 86 -0.46 -7.24 3.98
C PHE A 86 -0.50 -6.01 4.87
N PRO A 87 0.58 -5.22 4.87
CA PRO A 87 0.62 -4.01 5.69
C PRO A 87 -0.36 -2.95 5.19
N PRO A 88 -0.64 -1.93 6.02
CA PRO A 88 -1.58 -0.86 5.66
C PRO A 88 -1.30 -0.30 4.27
N GLY A 89 -2.36 -0.09 3.49
CA GLY A 89 -2.19 0.43 2.16
C GLY A 89 -3.46 0.26 1.34
N PRO A 90 -3.49 0.78 0.12
CA PRO A 90 -4.67 0.67 -0.75
C PRO A 90 -4.93 -0.75 -1.23
N ASN A 91 -6.15 -0.96 -1.73
CA ASN A 91 -6.57 -2.26 -2.27
C ASN A 91 -6.28 -3.44 -1.35
N TYR A 92 -5.37 -4.35 -1.71
CA TYR A 92 -5.13 -5.50 -0.85
C TYR A 92 -4.38 -5.22 0.46
N GLY A 93 -3.96 -3.98 0.65
CA GLY A 93 -3.26 -3.63 1.89
C GLY A 93 -4.13 -3.96 3.09
N GLY A 94 -3.54 -4.60 4.10
CA GLY A 94 -4.32 -4.95 5.28
C GLY A 94 -5.03 -6.30 5.23
N ASP A 95 -5.21 -6.85 4.03
CA ASP A 95 -5.92 -8.13 3.90
C ASP A 95 -5.18 -9.26 4.61
N ALA A 96 -5.95 -10.23 5.12
CA ALA A 96 -5.37 -11.37 5.82
C ALA A 96 -5.82 -12.69 5.21
N HIS A 97 -4.85 -13.54 4.88
CA HIS A 97 -5.12 -14.84 4.28
C HIS A 97 -4.66 -15.99 5.16
N PHE A 98 -5.51 -17.00 5.27
CA PHE A 98 -5.22 -18.18 6.08
C PHE A 98 -5.19 -19.41 5.17
N ASP A 99 -4.14 -20.21 5.32
CA ASP A 99 -3.97 -21.41 4.50
C ASP A 99 -4.96 -22.49 4.94
N ASP A 100 -5.93 -22.81 4.10
CA ASP A 100 -6.91 -23.81 4.48
C ASP A 100 -6.47 -25.26 4.31
N ASP A 101 -5.17 -25.47 4.17
CA ASP A 101 -4.63 -26.83 4.11
C ASP A 101 -4.10 -27.12 5.51
N GLU A 102 -4.21 -26.12 6.38
CA GLU A 102 -3.80 -26.26 7.78
C GLU A 102 -5.03 -26.66 8.57
N THR A 103 -4.85 -26.97 9.85
CA THR A 103 -5.98 -27.32 10.72
C THR A 103 -6.20 -26.16 11.68
N TRP A 104 -7.38 -25.56 11.61
CA TRP A 104 -7.72 -24.41 12.46
C TRP A 104 -8.64 -24.82 13.59
N THR A 105 -8.36 -24.35 14.80
CA THR A 105 -9.17 -24.71 15.95
C THR A 105 -9.41 -23.56 16.91
N SER A 106 -10.27 -23.79 17.89
CA SER A 106 -10.57 -22.81 18.91
C SER A 106 -9.96 -23.32 20.20
N SER A 107 -9.19 -24.40 20.10
CA SER A 107 -8.52 -25.01 21.23
C SER A 107 -7.01 -24.97 21.08
N SER A 108 -6.31 -25.94 21.67
CA SER A 108 -4.85 -26.01 21.60
C SER A 108 -4.35 -26.96 20.52
N LYS A 109 -5.27 -27.64 19.85
CA LYS A 109 -4.88 -28.56 18.79
C LYS A 109 -4.67 -27.77 17.51
N GLY A 110 -3.83 -28.27 16.61
CA GLY A 110 -3.55 -27.56 15.38
C GLY A 110 -3.18 -26.12 15.69
N TYR A 111 -3.65 -25.18 14.87
CA TYR A 111 -3.36 -23.77 15.11
C TYR A 111 -4.59 -23.06 15.64
N ASN A 112 -4.43 -22.39 16.78
CA ASN A 112 -5.53 -21.65 17.39
C ASN A 112 -5.81 -20.44 16.49
N LEU A 113 -6.97 -20.42 15.85
CA LEU A 113 -7.33 -19.34 14.93
C LEU A 113 -7.23 -17.96 15.56
N PHE A 114 -7.78 -17.79 16.76
CA PHE A 114 -7.72 -16.50 17.45
C PHE A 114 -6.28 -16.02 17.55
N LEU A 115 -5.41 -16.89 18.05
CA LEU A 115 -4.01 -16.53 18.22
C LEU A 115 -3.33 -16.14 16.91
N VAL A 116 -3.48 -16.97 15.89
CA VAL A 116 -2.88 -16.67 14.60
C VAL A 116 -3.48 -15.38 14.03
N ALA A 117 -4.79 -15.22 14.17
CA ALA A 117 -5.45 -14.03 13.66
C ALA A 117 -4.93 -12.76 14.35
N ALA A 118 -4.81 -12.81 15.68
CA ALA A 118 -4.33 -11.65 16.42
C ALA A 118 -2.98 -11.22 15.85
N HIS A 119 -2.14 -12.22 15.58
CA HIS A 119 -0.81 -12.00 15.02
C HIS A 119 -0.91 -11.36 13.64
N GLU A 120 -1.68 -11.98 12.75
CA GLU A 120 -1.84 -11.46 11.39
C GLU A 120 -2.41 -10.03 11.38
N PHE A 121 -3.39 -9.76 12.22
CA PHE A 121 -3.97 -8.43 12.25
C PHE A 121 -2.92 -7.42 12.70
N GLY A 122 -1.92 -7.89 13.44
CA GLY A 122 -0.85 -7.00 13.85
C GLY A 122 -0.16 -6.49 12.59
N HIS A 123 0.05 -7.40 11.64
CA HIS A 123 0.67 -7.04 10.37
C HIS A 123 -0.27 -6.12 9.61
N SER A 124 -1.56 -6.45 9.61
CA SER A 124 -2.56 -5.64 8.91
C SER A 124 -2.55 -4.21 9.41
N LEU A 125 -2.12 -4.01 10.65
CA LEU A 125 -2.10 -2.68 11.26
C LEU A 125 -0.76 -1.96 11.17
N GLY A 126 0.29 -2.64 10.72
CA GLY A 126 1.57 -1.98 10.59
C GLY A 126 2.74 -2.56 11.37
N LEU A 127 2.52 -3.66 12.09
CA LEU A 127 3.60 -4.27 12.84
C LEU A 127 4.26 -5.40 12.06
N ASP A 128 5.59 -5.42 12.07
CA ASP A 128 6.36 -6.48 11.43
C ASP A 128 6.70 -7.43 12.57
N HIS A 129 7.64 -8.34 12.35
CA HIS A 129 8.01 -9.28 13.40
C HIS A 129 8.91 -8.69 14.48
N SER A 130 8.85 -9.30 15.66
CA SER A 130 9.63 -8.88 16.83
C SER A 130 10.66 -9.94 17.20
N LYS A 131 11.73 -9.53 17.90
CA LYS A 131 12.75 -10.49 18.31
C LYS A 131 12.48 -11.03 19.72
N ASP A 132 11.46 -10.49 20.38
CA ASP A 132 11.10 -10.93 21.72
C ASP A 132 10.38 -12.28 21.59
N PRO A 133 11.01 -13.37 22.07
CA PRO A 133 10.45 -14.72 22.00
C PRO A 133 9.03 -14.88 22.56
N GLY A 134 8.67 -13.99 23.48
CA GLY A 134 7.34 -14.08 24.07
C GLY A 134 6.32 -13.13 23.47
N ALA A 135 6.71 -12.37 22.46
CA ALA A 135 5.80 -11.42 21.83
C ALA A 135 4.79 -12.10 20.91
N LEU A 136 3.63 -11.47 20.77
CA LEU A 136 2.60 -12.00 19.89
C LEU A 136 3.15 -11.96 18.48
N MET A 137 3.94 -10.91 18.19
CA MET A 137 4.52 -10.75 16.86
C MET A 137 5.82 -11.50 16.60
N PHE A 138 6.23 -12.37 17.53
CA PHE A 138 7.43 -13.18 17.32
C PHE A 138 7.06 -13.99 16.07
N PRO A 139 8.02 -14.24 15.18
CA PRO A 139 7.71 -15.00 13.97
C PRO A 139 7.24 -16.46 14.05
N ILE A 140 7.56 -17.14 15.14
CA ILE A 140 7.20 -18.55 15.30
C ILE A 140 6.10 -18.85 16.30
N TYR A 141 5.05 -19.52 15.82
CA TYR A 141 3.91 -19.89 16.65
C TYR A 141 4.38 -20.61 17.91
N THR A 142 4.04 -20.03 19.06
CA THR A 142 4.45 -20.59 20.34
C THR A 142 3.31 -20.55 21.36
N TYR A 143 2.34 -21.44 21.20
CA TYR A 143 1.20 -21.53 22.10
C TYR A 143 1.73 -21.82 23.51
N THR A 144 1.33 -20.99 24.48
CA THR A 144 1.80 -21.15 25.85
C THR A 144 0.97 -22.08 26.74
N GLY A 145 -0.27 -22.33 26.34
CA GLY A 145 -1.11 -23.20 27.14
C GLY A 145 -1.96 -22.47 28.17
N LYS A 146 -1.61 -21.21 28.42
CA LYS A 146 -2.35 -20.40 29.38
C LYS A 146 -3.78 -20.18 28.89
N SER A 147 -4.72 -20.10 29.82
CA SER A 147 -6.11 -19.90 29.47
C SER A 147 -6.46 -18.44 29.17
N HIS A 148 -5.86 -17.52 29.91
CA HIS A 148 -6.14 -16.10 29.72
C HIS A 148 -5.11 -15.45 28.81
N PHE A 149 -5.57 -14.79 27.75
CA PHE A 149 -4.65 -14.12 26.84
C PHE A 149 -4.39 -12.70 27.32
N MET A 150 -3.11 -12.31 27.30
CA MET A 150 -2.72 -10.98 27.68
C MET A 150 -1.67 -10.52 26.67
N LEU A 151 -1.96 -9.43 25.97
CA LEU A 151 -1.04 -8.89 24.98
C LEU A 151 0.29 -8.51 25.63
N PRO A 152 1.40 -9.11 25.17
CA PRO A 152 2.74 -8.84 25.72
C PRO A 152 3.09 -7.37 25.58
N ASP A 153 3.86 -6.84 26.52
CA ASP A 153 4.25 -5.44 26.48
C ASP A 153 4.94 -5.02 25.19
N ASP A 154 5.79 -5.90 24.63
CA ASP A 154 6.47 -5.55 23.40
C ASP A 154 5.48 -5.18 22.31
N ASP A 155 4.39 -5.93 22.22
CA ASP A 155 3.36 -5.68 21.23
C ASP A 155 2.58 -4.41 21.56
N VAL A 156 2.33 -4.18 22.84
CA VAL A 156 1.62 -2.98 23.27
C VAL A 156 2.42 -1.75 22.87
N GLN A 157 3.71 -1.75 23.18
CA GLN A 157 4.54 -0.61 22.84
C GLN A 157 4.62 -0.40 21.33
N GLY A 158 4.67 -1.50 20.60
CA GLY A 158 4.75 -1.41 19.14
C GLY A 158 3.52 -0.80 18.51
N ILE A 159 2.35 -1.32 18.85
CA ILE A 159 1.11 -0.81 18.26
C ILE A 159 0.82 0.63 18.71
N GLN A 160 1.18 0.98 19.93
CA GLN A 160 0.94 2.34 20.41
C GLN A 160 1.92 3.34 19.79
N SER A 161 3.05 2.87 19.28
CA SER A 161 4.01 3.78 18.66
C SER A 161 3.40 4.27 17.34
N LEU A 162 2.45 3.51 16.82
CA LEU A 162 1.78 3.85 15.57
C LEU A 162 0.48 4.62 15.74
N TYR A 163 -0.38 4.17 16.65
CA TYR A 163 -1.69 4.78 16.84
C TYR A 163 -1.99 5.47 18.15
N GLY A 164 -1.05 5.46 19.09
CA GLY A 164 -1.33 6.07 20.37
C GLY A 164 -2.05 5.04 21.22
N PRO A 165 -2.24 5.28 22.52
CA PRO A 165 -2.92 4.34 23.42
C PRO A 165 -4.44 4.41 23.49
N GLY A 166 -5.03 5.47 22.96
CA GLY A 166 -6.48 5.59 23.06
C GLY A 166 -6.73 5.83 24.54
N ASP A 167 -7.89 5.42 25.04
CA ASP A 167 -8.21 5.60 26.46
C ASP A 167 -7.30 4.68 27.27
N GLU A 168 -6.48 5.25 28.13
CA GLU A 168 -5.56 4.45 28.93
C GLU A 168 -6.21 3.67 30.06
N ASP A 169 -7.50 3.92 30.29
CA ASP A 169 -8.24 3.23 31.34
C ASP A 169 -9.73 3.20 31.03
N TYR B 1 10.17 -4.84 19.17
CA TYR B 1 9.14 -4.84 18.09
C TYR B 1 9.69 -4.15 16.84
N ASN B 2 8.95 -4.27 15.75
CA ASN B 2 9.35 -3.64 14.49
C ASN B 2 8.12 -3.15 13.75
N VAL B 3 8.27 -2.03 13.05
CA VAL B 3 7.19 -1.50 12.25
C VAL B 3 7.69 -1.54 10.82
N PHE B 4 6.84 -1.19 9.86
CA PHE B 4 7.24 -1.20 8.46
C PHE B 4 7.81 0.17 8.11
N PRO B 5 9.10 0.21 7.75
CA PRO B 5 9.85 1.41 7.38
C PRO B 5 9.30 2.09 6.13
N ARG B 6 9.26 3.42 6.14
CA ARG B 6 8.78 4.17 5.00
C ARG B 6 9.80 5.19 4.53
N THR B 7 10.36 4.96 3.34
CA THR B 7 11.34 5.86 2.76
C THR B 7 10.60 7.14 2.41
N LEU B 8 10.73 8.15 3.27
CA LEU B 8 10.05 9.43 3.07
C LEU B 8 10.52 10.21 1.85
N LYS B 9 11.75 9.95 1.42
CA LYS B 9 12.30 10.64 0.26
C LYS B 9 13.53 9.88 -0.21
N TRP B 10 13.89 10.05 -1.47
CA TRP B 10 15.05 9.36 -2.00
C TRP B 10 16.29 9.86 -1.30
N SER B 11 17.17 8.93 -0.93
CA SER B 11 18.40 9.26 -0.22
C SER B 11 19.50 9.82 -1.12
N LYS B 12 19.20 9.92 -2.40
CA LYS B 12 20.16 10.44 -3.38
C LYS B 12 19.45 11.47 -4.26
N MET B 13 20.22 12.40 -4.80
CA MET B 13 19.64 13.46 -5.64
C MET B 13 19.61 13.10 -7.11
N ASN B 14 20.37 12.07 -7.49
CA ASN B 14 20.41 11.64 -8.88
C ASN B 14 19.61 10.35 -9.05
N LEU B 15 18.52 10.44 -9.81
CA LEU B 15 17.64 9.30 -10.04
C LEU B 15 17.60 8.92 -11.51
N THR B 16 17.30 7.66 -11.76
CA THR B 16 17.21 7.15 -13.12
C THR B 16 15.80 6.69 -13.44
N TYR B 17 15.42 6.75 -14.70
CA TYR B 17 14.10 6.31 -15.12
C TYR B 17 14.22 5.60 -16.46
N ARG B 18 13.24 4.74 -16.76
CA ARG B 18 13.25 4.01 -18.01
C ARG B 18 11.83 3.88 -18.53
N ILE B 19 11.65 4.19 -19.81
CA ILE B 19 10.35 4.05 -20.46
C ILE B 19 10.38 2.63 -21.03
N VAL B 20 9.69 1.71 -20.35
CA VAL B 20 9.68 0.30 -20.75
C VAL B 20 8.94 0.00 -22.04
N ASN B 21 7.77 0.61 -22.21
CA ASN B 21 6.98 0.42 -23.42
C ASN B 21 6.19 1.69 -23.73
N TYR B 22 5.49 1.69 -24.85
CA TYR B 22 4.75 2.87 -25.30
C TYR B 22 3.28 2.65 -25.64
N THR B 23 2.48 3.69 -25.41
CA THR B 23 1.05 3.65 -25.69
C THR B 23 0.81 3.78 -27.20
N PRO B 24 -0.28 3.18 -27.70
CA PRO B 24 -0.61 3.23 -29.13
C PRO B 24 -1.05 4.63 -29.58
N ASP B 25 -1.52 5.43 -28.65
CA ASP B 25 -2.06 6.77 -28.93
C ASP B 25 -1.12 7.92 -29.29
N MET B 26 0.16 7.79 -28.99
CA MET B 26 1.11 8.86 -29.27
C MET B 26 2.37 8.31 -29.93
N THR B 27 3.15 9.19 -30.55
CA THR B 27 4.39 8.74 -31.19
C THR B 27 5.43 8.53 -30.10
N HIS B 28 6.48 7.78 -30.41
CA HIS B 28 7.54 7.55 -29.43
C HIS B 28 8.11 8.89 -29.00
N SER B 29 8.29 9.79 -29.97
CA SER B 29 8.83 11.12 -29.70
C SER B 29 7.96 11.90 -28.71
N GLU B 30 6.65 11.87 -28.91
CA GLU B 30 5.73 12.59 -28.02
C GLU B 30 5.78 12.04 -26.60
N VAL B 31 5.79 10.71 -26.50
CA VAL B 31 5.83 10.07 -25.19
C VAL B 31 7.13 10.43 -24.46
N GLU B 32 8.25 10.32 -25.16
CA GLU B 32 9.56 10.63 -24.58
C GLU B 32 9.62 12.09 -24.10
N LYS B 33 9.13 13.00 -24.92
CA LYS B 33 9.16 14.41 -24.55
C LYS B 33 8.24 14.72 -23.37
N ALA B 34 7.11 14.01 -23.31
CA ALA B 34 6.14 14.21 -22.23
C ALA B 34 6.72 13.80 -20.89
N PHE B 35 7.36 12.64 -20.84
CA PHE B 35 7.96 12.20 -19.59
C PHE B 35 9.16 13.07 -19.20
N LYS B 36 9.94 13.49 -20.18
CA LYS B 36 11.09 14.35 -19.90
C LYS B 36 10.61 15.66 -19.28
N LYS B 37 9.54 16.20 -19.86
CA LYS B 37 8.95 17.44 -19.38
C LYS B 37 8.39 17.27 -17.97
N ALA B 38 7.77 16.12 -17.71
CA ALA B 38 7.20 15.83 -16.40
C ALA B 38 8.27 15.78 -15.31
N PHE B 39 9.42 15.19 -15.63
CA PHE B 39 10.50 15.12 -14.65
C PHE B 39 11.09 16.51 -14.42
N LYS B 40 11.15 17.32 -15.47
CA LYS B 40 11.70 18.67 -15.38
C LYS B 40 10.88 19.52 -14.40
N VAL B 41 9.61 19.18 -14.25
CA VAL B 41 8.75 19.92 -13.33
C VAL B 41 9.32 19.90 -11.92
N TRP B 42 9.80 18.74 -11.51
CA TRP B 42 10.36 18.57 -10.17
C TRP B 42 11.84 18.94 -10.03
N SER B 43 12.63 18.66 -11.06
CA SER B 43 14.05 18.98 -11.00
C SER B 43 14.26 20.50 -11.08
N ASP B 44 13.31 21.20 -11.68
CA ASP B 44 13.42 22.66 -11.79
C ASP B 44 13.30 23.36 -10.45
N VAL B 45 12.71 22.71 -9.46
CA VAL B 45 12.53 23.33 -8.14
C VAL B 45 13.17 22.61 -6.97
N THR B 46 14.07 21.68 -7.25
CA THR B 46 14.75 20.90 -6.22
C THR B 46 16.15 20.55 -6.71
N PRO B 47 16.96 19.89 -5.87
CA PRO B 47 18.31 19.51 -6.29
C PRO B 47 18.29 18.21 -7.10
N LEU B 48 17.10 17.64 -7.26
CA LEU B 48 16.93 16.38 -7.99
C LEU B 48 17.34 16.46 -9.47
N ASN B 49 17.96 15.39 -9.93
CA ASN B 49 18.40 15.27 -11.32
C ASN B 49 17.89 13.93 -11.84
N PHE B 50 17.42 13.89 -13.08
CA PHE B 50 16.89 12.66 -13.65
C PHE B 50 17.63 12.29 -14.94
N THR B 51 18.00 11.01 -15.06
CA THR B 51 18.70 10.53 -16.24
C THR B 51 17.97 9.31 -16.81
N ARG B 52 17.76 9.31 -18.12
CA ARG B 52 17.06 8.22 -18.78
C ARG B 52 17.96 7.04 -19.14
N LEU B 53 17.48 5.84 -18.84
CA LEU B 53 18.20 4.60 -19.15
C LEU B 53 17.34 3.89 -20.21
N HIS B 54 17.99 3.26 -21.19
CA HIS B 54 17.26 2.57 -22.25
C HIS B 54 17.09 1.07 -22.02
N ASP B 55 17.65 0.58 -20.93
CA ASP B 55 17.54 -0.83 -20.59
C ASP B 55 17.97 -1.03 -19.14
N GLY B 56 17.72 -2.21 -18.60
CA GLY B 56 18.09 -2.49 -17.23
C GLY B 56 17.07 -1.95 -16.26
N ILE B 57 17.38 -2.01 -14.96
CA ILE B 57 16.44 -1.51 -13.96
C ILE B 57 16.81 -0.10 -13.53
N ALA B 58 15.85 0.81 -13.61
CA ALA B 58 16.06 2.20 -13.22
C ALA B 58 15.28 2.44 -11.93
N ASP B 59 15.61 3.52 -11.22
CA ASP B 59 14.92 3.83 -9.98
C ASP B 59 13.43 3.99 -10.23
N ILE B 60 13.07 4.59 -11.36
CA ILE B 60 11.67 4.79 -11.70
C ILE B 60 11.35 4.12 -13.03
N MET B 61 10.73 2.94 -12.97
CA MET B 61 10.35 2.21 -14.17
C MET B 61 8.98 2.69 -14.62
N ILE B 62 8.89 3.11 -15.88
CA ILE B 62 7.65 3.62 -16.45
C ILE B 62 7.09 2.65 -17.50
N SER B 63 5.81 2.31 -17.38
CA SER B 63 5.20 1.40 -18.33
C SER B 63 3.70 1.59 -18.46
N PHE B 64 3.16 1.13 -19.59
CA PHE B 64 1.73 1.21 -19.87
C PHE B 64 1.20 -0.21 -19.79
N GLY B 65 0.03 -0.38 -19.16
CA GLY B 65 -0.55 -1.70 -19.05
C GLY B 65 -2.05 -1.59 -18.83
N ILE B 66 -2.75 -2.72 -18.91
CA ILE B 66 -4.20 -2.73 -18.72
C ILE B 66 -4.60 -3.84 -17.75
N LYS B 67 -5.78 -3.69 -17.15
CA LYS B 67 -6.30 -4.68 -16.21
C LYS B 67 -5.20 -5.16 -15.26
N GLU B 68 -5.10 -6.46 -15.03
CA GLU B 68 -4.04 -6.97 -14.15
C GLU B 68 -2.75 -6.96 -14.95
N HIS B 69 -1.79 -6.17 -14.49
CA HIS B 69 -0.52 -6.03 -15.21
C HIS B 69 0.75 -6.39 -14.44
N GLY B 70 0.63 -7.16 -13.36
CA GLY B 70 1.82 -7.56 -12.64
C GLY B 70 2.06 -7.13 -11.20
N ASP B 71 1.14 -6.40 -10.59
CA ASP B 71 1.32 -5.98 -9.21
C ASP B 71 0.07 -6.12 -8.33
N PHE B 72 -0.95 -6.77 -8.89
CA PHE B 72 -2.23 -6.99 -8.21
C PHE B 72 -2.98 -5.73 -7.80
N TYR B 73 -2.75 -4.66 -8.54
CA TYR B 73 -3.43 -3.38 -8.37
C TYR B 73 -3.94 -3.19 -9.80
N PRO B 74 -4.87 -4.05 -10.25
CA PRO B 74 -5.41 -3.98 -11.60
C PRO B 74 -6.10 -2.69 -11.99
N PHE B 75 -5.94 -2.30 -13.25
CA PHE B 75 -6.59 -1.12 -13.75
C PHE B 75 -8.01 -1.57 -14.09
N ASP B 76 -8.87 -0.61 -14.44
CA ASP B 76 -10.28 -0.90 -14.67
C ASP B 76 -10.90 -0.61 -16.03
N GLY B 77 -10.13 -0.68 -17.11
CA GLY B 77 -10.71 -0.39 -18.41
C GLY B 77 -10.87 1.11 -18.58
N PRO B 78 -11.58 1.61 -19.59
CA PRO B 78 -11.74 3.07 -19.76
C PRO B 78 -12.35 3.80 -18.56
N SER B 79 -11.80 4.98 -18.27
CA SER B 79 -12.25 5.83 -17.17
C SER B 79 -11.94 5.24 -15.79
N GLY B 80 -12.17 6.03 -14.74
CA GLY B 80 -11.86 5.57 -13.39
C GLY B 80 -10.39 5.79 -13.09
N LEU B 81 -9.69 4.74 -12.70
CA LEU B 81 -8.26 4.85 -12.40
C LEU B 81 -7.51 5.25 -13.67
N LEU B 82 -6.59 6.19 -13.59
CA LEU B 82 -5.86 6.61 -14.78
C LEU B 82 -4.43 6.08 -14.78
N ALA B 83 -3.87 5.95 -13.59
CA ALA B 83 -2.51 5.48 -13.41
C ALA B 83 -2.20 5.49 -11.92
N HIS B 84 -1.04 4.92 -11.56
CA HIS B 84 -0.62 4.91 -10.16
C HIS B 84 0.89 4.76 -10.06
N ALA B 85 1.44 5.23 -8.95
CA ALA B 85 2.88 5.16 -8.76
C ALA B 85 3.20 4.72 -7.33
N PHE B 86 4.31 4.01 -7.17
CA PHE B 86 4.73 3.54 -5.85
C PHE B 86 5.61 4.57 -5.18
N PRO B 87 5.45 4.77 -3.87
CA PRO B 87 6.26 5.74 -3.13
C PRO B 87 7.73 5.32 -3.17
N PRO B 88 8.63 6.24 -2.82
CA PRO B 88 10.07 5.97 -2.82
C PRO B 88 10.42 4.65 -2.16
N GLY B 89 11.43 3.97 -2.69
CA GLY B 89 11.84 2.70 -2.14
C GLY B 89 12.42 1.78 -3.19
N PRO B 90 12.85 0.57 -2.80
CA PRO B 90 13.44 -0.41 -3.71
C PRO B 90 12.36 -1.19 -4.49
N ASN B 91 12.80 -2.01 -5.43
CA ASN B 91 11.88 -2.81 -6.24
C ASN B 91 10.84 -1.95 -6.94
N TYR B 92 9.56 -2.18 -6.68
CA TYR B 92 8.51 -1.40 -7.32
C TYR B 92 8.46 0.07 -6.86
N GLY B 93 9.06 0.35 -5.72
CA GLY B 93 9.05 1.72 -5.21
C GLY B 93 9.46 2.74 -6.26
N GLY B 94 8.65 3.79 -6.44
CA GLY B 94 8.98 4.81 -7.42
C GLY B 94 8.41 4.57 -8.81
N ASP B 95 8.15 3.31 -9.14
CA ASP B 95 7.62 2.96 -10.46
C ASP B 95 6.27 3.62 -10.77
N ALA B 96 6.05 3.93 -12.05
CA ALA B 96 4.81 4.55 -12.49
C ALA B 96 4.14 3.75 -13.61
N HIS B 97 2.87 3.42 -13.40
CA HIS B 97 2.11 2.64 -14.38
C HIS B 97 0.93 3.46 -14.90
N PHE B 98 0.75 3.45 -16.21
CA PHE B 98 -0.32 4.20 -16.85
C PHE B 98 -1.31 3.23 -17.51
N ASP B 99 -2.60 3.46 -17.27
CA ASP B 99 -3.65 2.60 -17.82
C ASP B 99 -3.80 2.82 -19.32
N ASP B 100 -3.42 1.82 -20.11
CA ASP B 100 -3.51 1.98 -21.55
C ASP B 100 -4.91 1.74 -22.12
N ASP B 101 -5.91 1.71 -21.26
CA ASP B 101 -7.29 1.57 -21.71
C ASP B 101 -7.86 3.00 -21.75
N GLU B 102 -7.00 3.95 -21.38
CA GLU B 102 -7.37 5.37 -21.41
C GLU B 102 -6.75 5.90 -22.70
N THR B 103 -7.28 7.00 -23.21
CA THR B 103 -6.74 7.61 -24.41
C THR B 103 -5.77 8.71 -24.00
N TRP B 104 -4.50 8.55 -24.37
CA TRP B 104 -3.46 9.50 -24.01
C TRP B 104 -3.07 10.43 -25.15
N THR B 105 -2.74 11.67 -24.82
CA THR B 105 -2.36 12.63 -25.85
C THR B 105 -1.46 13.74 -25.34
N SER B 106 -0.94 14.52 -26.29
CA SER B 106 -0.08 15.65 -26.01
C SER B 106 -0.68 16.87 -26.71
N SER B 107 -1.17 16.66 -27.93
CA SER B 107 -1.77 17.74 -28.71
C SER B 107 -3.05 17.36 -29.43
N SER B 108 -3.65 16.23 -29.04
CA SER B 108 -4.90 15.79 -29.65
C SER B 108 -5.94 15.51 -28.57
N LYS B 109 -6.80 14.52 -28.80
CA LYS B 109 -7.85 14.18 -27.83
C LYS B 109 -7.40 13.15 -26.79
N GLY B 110 -7.91 13.30 -25.58
CA GLY B 110 -7.56 12.38 -24.50
C GLY B 110 -6.92 13.06 -23.32
N TYR B 111 -6.52 12.26 -22.32
CA TYR B 111 -5.86 12.76 -21.12
C TYR B 111 -4.44 13.16 -21.47
N ASN B 112 -4.01 14.31 -20.97
CA ASN B 112 -2.66 14.78 -21.25
C ASN B 112 -1.65 13.92 -20.48
N LEU B 113 -0.84 13.16 -21.21
CA LEU B 113 0.15 12.28 -20.58
C LEU B 113 1.13 13.05 -19.69
N PHE B 114 1.68 14.14 -20.19
CA PHE B 114 2.61 14.94 -19.41
C PHE B 114 2.03 15.32 -18.05
N LEU B 115 0.80 15.80 -18.07
CA LEU B 115 0.13 16.23 -16.83
C LEU B 115 -0.05 15.11 -15.83
N VAL B 116 -0.56 13.97 -16.29
CA VAL B 116 -0.77 12.82 -15.42
C VAL B 116 0.57 12.30 -14.90
N ALA B 117 1.57 12.28 -15.77
CA ALA B 117 2.90 11.81 -15.40
C ALA B 117 3.52 12.71 -14.32
N ALA B 118 3.39 14.02 -14.49
CA ALA B 118 3.95 14.96 -13.53
C ALA B 118 3.34 14.70 -12.15
N HIS B 119 2.03 14.46 -12.14
CA HIS B 119 1.29 14.17 -10.92
C HIS B 119 1.78 12.88 -10.30
N GLU B 120 1.85 11.82 -11.10
CA GLU B 120 2.30 10.52 -10.60
C GLU B 120 3.75 10.55 -10.11
N PHE B 121 4.61 11.26 -10.84
CA PHE B 121 6.01 11.35 -10.42
C PHE B 121 6.10 12.06 -9.08
N GLY B 122 5.10 12.88 -8.77
CA GLY B 122 5.08 13.56 -7.49
C GLY B 122 4.98 12.49 -6.40
N HIS B 123 4.17 11.47 -6.66
CA HIS B 123 4.01 10.37 -5.72
C HIS B 123 5.30 9.55 -5.65
N SER B 124 5.93 9.37 -6.80
CA SER B 124 7.19 8.62 -6.87
C SER B 124 8.26 9.27 -6.01
N LEU B 125 8.14 10.59 -5.81
CA LEU B 125 9.13 11.32 -5.04
C LEU B 125 8.79 11.50 -3.56
N GLY B 126 7.59 11.11 -3.17
CA GLY B 126 7.21 11.22 -1.77
C GLY B 126 6.06 12.15 -1.43
N LEU B 127 5.32 12.62 -2.43
CA LEU B 127 4.20 13.53 -2.17
C LEU B 127 2.85 12.82 -2.20
N ASP B 128 1.99 13.16 -1.26
CA ASP B 128 0.65 12.59 -1.20
C ASP B 128 -0.24 13.62 -1.89
N HIS B 129 -1.55 13.40 -1.87
CA HIS B 129 -2.48 14.32 -2.49
C HIS B 129 -2.63 15.61 -1.69
N SER B 130 -2.93 16.70 -2.41
CA SER B 130 -3.11 18.00 -1.78
C SER B 130 -4.60 18.31 -1.71
N LYS B 131 -4.98 19.20 -0.81
CA LYS B 131 -6.38 19.60 -0.66
C LYS B 131 -6.69 20.83 -1.50
N ASP B 132 -5.64 21.47 -2.01
CA ASP B 132 -5.79 22.67 -2.83
C ASP B 132 -6.25 22.29 -4.25
N PRO B 133 -7.48 22.66 -4.60
CA PRO B 133 -8.14 22.41 -5.89
C PRO B 133 -7.33 22.77 -7.14
N GLY B 134 -6.39 23.69 -7.02
CA GLY B 134 -5.62 24.09 -8.18
C GLY B 134 -4.20 23.54 -8.24
N ALA B 135 -3.86 22.66 -7.30
CA ALA B 135 -2.52 22.09 -7.25
C ALA B 135 -2.36 20.89 -8.18
N LEU B 136 -1.12 20.63 -8.58
CA LEU B 136 -0.83 19.50 -9.44
C LEU B 136 -1.20 18.21 -8.71
N MET B 137 -0.90 18.16 -7.42
CA MET B 137 -1.18 16.97 -6.62
C MET B 137 -2.61 16.82 -6.12
N PHE B 138 -3.53 17.65 -6.63
CA PHE B 138 -4.92 17.52 -6.23
C PHE B 138 -5.35 16.18 -6.85
N PRO B 139 -6.21 15.42 -6.17
CA PRO B 139 -6.66 14.12 -6.67
C PRO B 139 -7.47 14.06 -7.97
N ILE B 140 -8.14 15.15 -8.34
CA ILE B 140 -8.95 15.16 -9.54
C ILE B 140 -8.33 15.86 -10.76
N TYR B 141 -8.22 15.13 -11.86
CA TYR B 141 -7.66 15.66 -13.10
C TYR B 141 -8.47 16.87 -13.56
N THR B 142 -7.81 18.01 -13.73
CA THR B 142 -8.48 19.24 -14.15
C THR B 142 -7.61 20.04 -15.13
N TYR B 143 -7.62 19.64 -16.39
CA TYR B 143 -6.85 20.31 -17.44
C TYR B 143 -7.36 21.73 -17.67
N THR B 144 -6.45 22.70 -17.61
CA THR B 144 -6.82 24.11 -17.80
C THR B 144 -6.76 24.60 -19.23
N GLY B 145 -6.12 23.83 -20.11
CA GLY B 145 -6.03 24.23 -21.51
C GLY B 145 -4.89 25.15 -21.86
N LYS B 146 -4.20 25.68 -20.86
CA LYS B 146 -3.08 26.59 -21.11
C LYS B 146 -1.91 25.85 -21.77
N SER B 147 -1.21 26.54 -22.67
CA SER B 147 -0.07 25.94 -23.37
C SER B 147 1.19 25.90 -22.52
N HIS B 148 1.23 26.71 -21.46
CA HIS B 148 2.38 26.75 -20.59
C HIS B 148 2.05 26.18 -19.23
N PHE B 149 2.92 25.30 -18.72
CA PHE B 149 2.69 24.71 -17.42
C PHE B 149 3.50 25.43 -16.35
N MET B 150 2.81 25.79 -15.27
CA MET B 150 3.44 26.47 -14.15
C MET B 150 3.11 25.66 -12.90
N LEU B 151 4.12 25.14 -12.22
CA LEU B 151 3.89 24.36 -11.02
C LEU B 151 3.30 25.23 -9.92
N PRO B 152 2.10 24.88 -9.44
CA PRO B 152 1.45 25.65 -8.37
C PRO B 152 2.31 25.74 -7.12
N ASP B 153 2.26 26.88 -6.45
CA ASP B 153 3.05 27.09 -5.24
C ASP B 153 2.87 26.01 -4.18
N ASP B 154 1.68 25.44 -4.07
CA ASP B 154 1.43 24.41 -3.08
C ASP B 154 2.34 23.21 -3.30
N ASP B 155 2.47 22.82 -4.56
CA ASP B 155 3.32 21.69 -4.93
C ASP B 155 4.78 22.04 -4.73
N VAL B 156 5.15 23.28 -5.02
CA VAL B 156 6.52 23.72 -4.84
C VAL B 156 6.89 23.60 -3.36
N GLN B 157 6.03 24.14 -2.49
CA GLN B 157 6.28 24.08 -1.07
C GLN B 157 6.34 22.63 -0.59
N GLY B 158 5.45 21.80 -1.13
CA GLY B 158 5.42 20.40 -0.75
C GLY B 158 6.67 19.61 -1.09
N ILE B 159 7.10 19.67 -2.35
CA ILE B 159 8.29 18.93 -2.76
C ILE B 159 9.55 19.49 -2.11
N GLN B 160 9.61 20.81 -1.94
CA GLN B 160 10.78 21.43 -1.32
C GLN B 160 10.87 21.13 0.16
N SER B 161 9.75 20.79 0.79
CA SER B 161 9.77 20.47 2.21
C SER B 161 10.52 19.15 2.41
N LEU B 162 10.68 18.40 1.32
CA LEU B 162 11.36 17.12 1.35
C LEU B 162 12.80 17.19 0.83
N TYR B 163 12.99 17.87 -0.29
CA TYR B 163 14.29 17.96 -0.94
C TYR B 163 14.97 19.32 -0.90
N GLY B 164 14.22 20.37 -0.53
CA GLY B 164 14.79 21.70 -0.51
C GLY B 164 14.77 22.30 -1.90
N PRO B 165 15.14 23.58 -2.04
CA PRO B 165 15.17 24.29 -3.33
C PRO B 165 16.36 23.89 -4.19
N GLY B 166 16.28 24.22 -5.48
CA GLY B 166 17.37 23.89 -6.38
C GLY B 166 18.58 24.79 -6.18
#